data_7YDS
#
_entry.id   7YDS
#
_cell.length_a   71.076
_cell.length_b   94.880
_cell.length_c   96.069
_cell.angle_alpha   90.000
_cell.angle_beta   90.000
_cell.angle_gamma   90.000
#
_symmetry.space_group_name_H-M   'P 21 21 21'
#
loop_
_entity.id
_entity.type
_entity.pdbx_description
1 polymer 'Programmed cell death 1 ligand 1'
2 polymer Anti-PDL1-VH-CH1
3 polymer Anti-PDL1-VL-CL
4 water water
#
loop_
_entity_poly.entity_id
_entity_poly.type
_entity_poly.pdbx_seq_one_letter_code
_entity_poly.pdbx_strand_id
1 'polypeptide(L)'
;MRIFAVFIFMTYWHLLNAFTVTVPKDLYVVEYGSQMTIECKFPVEKQLDLAALIVYWEMEDKNIIQFVHGEEDLKVQHSS
YRQRARLLKDQLSLGNAALQITDVKLQDAGVYRCMISYGGADYKRITVKVNAPYNKLEGGGHHHHHH
;
A
2 'polypeptide(L)'
;DVQLVESGGGLVQPGGSLRLSCTVSGIDLSSYDMTWVRQAPGKGLEYIGYISYVSRTYYADSVKGRFTISKDTSKNTVYL
QMNSLRAEDTAVYYCARDRPDGAATNLWGQGTLVTVSSASTKGPSVFPLAPSSKSTSGGTAALGCLVKDYFPEPVTVSWN
SGALTSGVHTFPAVLQSSGLYSLSSVVTVPSSSLGTQTYICNVNHKPSNTKVDKKVEPKSC
;
B
3 'polypeptide(L)'
;DIQMTQSPSTLSASVGDRVTITCQSSQNVYSNNRLSWYQQKPGKAPKLLIYWTSFLASGVPSRFSGSGSGTEFTLTISSL
QPDDFATYYCAGGYSGNLYTFGQGTKLEIKRTVAAPSVFIFPPSDEQLKSGTASVVCLLNNFYPREAKVQWKVDNALQSG
NSQESVTEQDSKDSTYSLSSTLTLSKADYEKHKVYACEVTHQGLSSPVTKSFNRGEC
;
C
#
# COMPACT_ATOMS: atom_id res chain seq x y z
N ALA A 18 -24.91 -9.13 -8.36
CA ALA A 18 -24.53 -10.40 -7.75
C ALA A 18 -23.95 -10.19 -6.37
N PHE A 19 -24.75 -9.59 -5.48
CA PHE A 19 -24.34 -9.48 -4.07
C PHE A 19 -24.18 -10.86 -3.44
N THR A 20 -25.12 -11.77 -3.71
CA THR A 20 -25.07 -13.11 -3.15
C THR A 20 -25.47 -14.11 -4.22
N VAL A 21 -24.55 -14.99 -4.58
CA VAL A 21 -24.83 -16.08 -5.51
C VAL A 21 -25.29 -17.29 -4.71
N THR A 22 -26.37 -17.93 -5.17
CA THR A 22 -26.90 -19.13 -4.54
C THR A 22 -26.81 -20.31 -5.51
N VAL A 23 -26.83 -21.51 -4.95
CA VAL A 23 -26.82 -22.73 -5.75
C VAL A 23 -28.04 -23.56 -5.39
N PRO A 24 -28.75 -24.13 -6.38
CA PRO A 24 -29.88 -25.02 -6.06
C PRO A 24 -29.44 -26.24 -5.28
N LYS A 25 -28.24 -26.76 -5.53
CA LYS A 25 -27.72 -27.91 -4.82
C LYS A 25 -26.25 -27.67 -4.48
N ASP A 26 -25.85 -28.10 -3.28
CA ASP A 26 -24.43 -28.14 -2.95
C ASP A 26 -23.76 -29.41 -3.48
N LEU A 27 -24.54 -30.47 -3.71
CA LEU A 27 -24.03 -31.73 -4.23
C LEU A 27 -24.93 -32.21 -5.36
N TYR A 28 -24.32 -32.55 -6.50
CA TYR A 28 -25.02 -33.16 -7.62
C TYR A 28 -24.55 -34.60 -7.76
N VAL A 29 -25.50 -35.53 -7.82
CA VAL A 29 -25.21 -36.94 -8.08
C VAL A 29 -25.71 -37.25 -9.49
N VAL A 30 -24.79 -37.57 -10.39
CA VAL A 30 -25.11 -37.80 -11.79
C VAL A 30 -24.58 -39.17 -12.20
N GLU A 31 -25.19 -39.73 -13.24
CA GLU A 31 -24.81 -41.03 -13.73
C GLU A 31 -23.72 -40.90 -14.79
N TYR A 32 -22.93 -41.97 -14.94
CA TYR A 32 -21.87 -41.97 -15.93
C TYR A 32 -22.45 -41.87 -17.34
N GLY A 33 -21.84 -41.03 -18.17
CA GLY A 33 -22.26 -40.84 -19.54
C GLY A 33 -23.46 -39.93 -19.72
N SER A 34 -24.08 -39.48 -18.65
CA SER A 34 -25.25 -38.62 -18.75
C SER A 34 -24.84 -37.19 -19.07
N GLN A 35 -25.82 -36.31 -19.15
CA GLN A 35 -25.61 -34.89 -19.35
C GLN A 35 -25.90 -34.17 -18.04
N MET A 36 -24.96 -33.34 -17.61
CA MET A 36 -25.01 -32.70 -16.30
C MET A 36 -25.21 -31.20 -16.46
N THR A 37 -26.09 -30.64 -15.63
CA THR A 37 -26.34 -29.20 -15.59
C THR A 37 -26.27 -28.73 -14.15
N ILE A 38 -25.20 -28.01 -13.81
CA ILE A 38 -25.05 -27.37 -12.50
C ILE A 38 -25.27 -25.88 -12.68
N GLU A 39 -25.79 -25.24 -11.63
CA GLU A 39 -26.30 -23.88 -11.75
C GLU A 39 -25.85 -23.00 -10.60
N CYS A 40 -25.66 -21.72 -10.89
CA CYS A 40 -25.41 -20.69 -9.89
C CYS A 40 -26.37 -19.53 -10.14
N LYS A 41 -27.25 -19.26 -9.19
CA LYS A 41 -28.23 -18.21 -9.33
C LYS A 41 -27.67 -16.88 -8.80
N PHE A 42 -28.05 -15.79 -9.46
CA PHE A 42 -27.62 -14.46 -9.06
C PHE A 42 -28.76 -13.49 -9.29
N PRO A 43 -28.83 -12.40 -8.54
CA PRO A 43 -29.97 -11.48 -8.66
C PRO A 43 -29.93 -10.70 -9.97
N VAL A 44 -31.07 -10.71 -10.67
CA VAL A 44 -31.31 -9.86 -11.83
C VAL A 44 -32.62 -9.14 -11.57
N GLU A 45 -32.54 -7.85 -11.25
CA GLU A 45 -33.73 -7.14 -10.78
C GLU A 45 -34.68 -6.81 -11.93
N LYS A 46 -34.24 -6.00 -12.88
CA LYS A 46 -35.12 -5.51 -13.93
C LYS A 46 -34.91 -6.24 -15.26
N GLN A 47 -33.70 -6.17 -15.82
CA GLN A 47 -33.41 -6.85 -17.06
C GLN A 47 -31.90 -7.02 -17.19
N LEU A 48 -31.49 -8.11 -17.84
CA LEU A 48 -30.08 -8.45 -17.88
C LEU A 48 -29.31 -7.51 -18.79
N ASP A 49 -28.27 -6.87 -18.24
CA ASP A 49 -27.31 -6.09 -19.02
C ASP A 49 -26.08 -6.97 -19.21
N LEU A 50 -25.94 -7.52 -20.42
CA LEU A 50 -24.84 -8.44 -20.70
C LEU A 50 -23.48 -7.76 -20.61
N ALA A 51 -23.44 -6.42 -20.66
CA ALA A 51 -22.15 -5.73 -20.69
C ALA A 51 -21.36 -5.95 -19.41
N ALA A 52 -22.04 -5.96 -18.26
CA ALA A 52 -21.37 -6.03 -16.97
C ALA A 52 -21.34 -7.42 -16.36
N LEU A 53 -21.79 -8.44 -17.08
CA LEU A 53 -21.89 -9.78 -16.51
C LEU A 53 -20.61 -10.57 -16.77
N ILE A 54 -20.10 -11.22 -15.73
CA ILE A 54 -18.99 -12.16 -15.83
C ILE A 54 -19.44 -13.48 -15.20
N VAL A 55 -19.29 -14.57 -15.95
CA VAL A 55 -19.54 -15.92 -15.45
C VAL A 55 -18.28 -16.75 -15.66
N TYR A 56 -17.81 -17.38 -14.58
CA TYR A 56 -16.56 -18.12 -14.59
C TYR A 56 -16.77 -19.45 -13.89
N TRP A 57 -16.50 -20.56 -14.59
CA TRP A 57 -16.59 -21.90 -14.02
C TRP A 57 -15.22 -22.55 -14.03
N GLU A 58 -14.91 -23.30 -12.97
CA GLU A 58 -13.61 -23.93 -12.84
C GLU A 58 -13.76 -25.20 -12.03
N MET A 59 -12.73 -26.05 -12.09
CA MET A 59 -12.75 -27.30 -11.36
C MET A 59 -11.31 -27.77 -11.20
N GLU A 60 -10.80 -27.76 -9.96
CA GLU A 60 -9.46 -28.26 -9.64
C GLU A 60 -8.38 -27.60 -10.50
N ASP A 61 -8.37 -26.26 -10.44
CA ASP A 61 -7.46 -25.39 -11.19
C ASP A 61 -7.73 -25.41 -12.69
N LYS A 62 -8.65 -26.24 -13.17
CA LYS A 62 -8.95 -26.33 -14.59
C LYS A 62 -10.09 -25.39 -14.92
N ASN A 63 -9.83 -24.43 -15.81
CA ASN A 63 -10.90 -23.55 -16.28
C ASN A 63 -11.83 -24.33 -17.20
N ILE A 64 -13.13 -24.22 -16.95
CA ILE A 64 -14.13 -24.89 -17.76
C ILE A 64 -14.70 -23.98 -18.82
N ILE A 65 -15.13 -22.78 -18.44
CA ILE A 65 -15.69 -21.82 -19.38
C ILE A 65 -15.60 -20.44 -18.77
N GLN A 66 -15.57 -19.42 -19.64
CA GLN A 66 -15.63 -18.02 -19.25
C GLN A 66 -16.69 -17.34 -20.09
N PHE A 67 -17.41 -16.40 -19.49
CA PHE A 67 -18.41 -15.61 -20.20
C PHE A 67 -18.22 -14.15 -19.82
N VAL A 68 -17.80 -13.34 -20.79
CA VAL A 68 -17.53 -11.92 -20.56
C VAL A 68 -17.80 -11.18 -21.85
N HIS A 69 -18.34 -9.96 -21.72
CA HIS A 69 -18.72 -9.13 -22.86
C HIS A 69 -19.76 -9.80 -23.74
N GLY A 70 -20.63 -10.61 -23.14
CA GLY A 70 -21.68 -11.28 -23.87
C GLY A 70 -21.24 -12.47 -24.70
N GLU A 71 -20.01 -12.94 -24.55
CA GLU A 71 -19.51 -14.05 -25.35
C GLU A 71 -18.79 -15.04 -24.45
N GLU A 72 -18.80 -16.31 -24.87
CA GLU A 72 -17.98 -17.31 -24.22
C GLU A 72 -16.51 -17.07 -24.55
N ASP A 73 -15.66 -17.17 -23.55
CA ASP A 73 -14.20 -17.05 -23.71
C ASP A 73 -13.59 -18.39 -23.33
N LEU A 74 -12.99 -19.06 -24.32
CA LEU A 74 -12.42 -20.39 -24.11
C LEU A 74 -10.90 -20.39 -24.27
N LYS A 75 -10.26 -19.21 -24.15
CA LYS A 75 -8.82 -19.12 -24.37
C LYS A 75 -8.04 -19.99 -23.38
N VAL A 76 -8.48 -20.04 -22.14
CA VAL A 76 -7.79 -20.78 -21.09
C VAL A 76 -8.57 -22.02 -20.69
N GLN A 77 -9.53 -22.46 -21.51
CA GLN A 77 -10.30 -23.65 -21.19
C GLN A 77 -9.40 -24.88 -21.19
N HIS A 78 -9.55 -25.70 -20.17
CA HIS A 78 -8.82 -26.96 -20.12
C HIS A 78 -9.26 -27.87 -21.25
N SER A 79 -8.31 -28.64 -21.79
CA SER A 79 -8.56 -29.47 -22.95
C SER A 79 -9.62 -30.54 -22.70
N SER A 80 -9.86 -30.89 -21.44
CA SER A 80 -10.86 -31.92 -21.13
C SER A 80 -12.26 -31.49 -21.51
N TYR A 81 -12.56 -30.19 -21.43
CA TYR A 81 -13.91 -29.68 -21.62
C TYR A 81 -14.14 -29.12 -23.01
N ARG A 82 -13.18 -29.24 -23.92
CA ARG A 82 -13.39 -28.78 -25.29
C ARG A 82 -14.48 -29.62 -25.95
N GLN A 83 -15.46 -28.93 -26.54
CA GLN A 83 -16.65 -29.51 -27.18
C GLN A 83 -17.57 -30.23 -26.20
N ARG A 84 -17.29 -30.19 -24.90
CA ARG A 84 -18.15 -30.84 -23.91
C ARG A 84 -18.87 -29.86 -23.01
N ALA A 85 -18.30 -28.69 -22.75
CA ALA A 85 -18.87 -27.72 -21.82
C ALA A 85 -19.46 -26.55 -22.57
N ARG A 86 -20.63 -26.10 -22.12
CA ARG A 86 -21.27 -24.91 -22.67
C ARG A 86 -22.11 -24.25 -21.58
N LEU A 87 -22.34 -22.95 -21.75
CA LEU A 87 -23.15 -22.16 -20.83
C LEU A 87 -24.49 -21.88 -21.48
N LEU A 88 -25.58 -22.20 -20.77
CA LEU A 88 -26.92 -21.98 -21.30
C LEU A 88 -27.23 -20.48 -21.29
N LYS A 89 -26.98 -19.82 -22.42
CA LYS A 89 -27.08 -18.36 -22.48
C LYS A 89 -28.51 -17.88 -22.24
N ASP A 90 -29.52 -18.63 -22.70
CA ASP A 90 -30.90 -18.23 -22.51
C ASP A 90 -31.26 -18.13 -21.04
N GLN A 91 -30.61 -18.93 -20.19
CA GLN A 91 -30.88 -18.91 -18.76
C GLN A 91 -30.30 -17.70 -18.05
N LEU A 92 -29.34 -17.00 -18.67
CA LEU A 92 -28.71 -15.85 -18.01
C LEU A 92 -29.70 -14.72 -17.77
N SER A 93 -30.68 -14.55 -18.66
CA SER A 93 -31.69 -13.50 -18.49
C SER A 93 -32.52 -13.70 -17.23
N LEU A 94 -32.64 -14.92 -16.75
CA LEU A 94 -33.42 -15.23 -15.57
C LEU A 94 -32.57 -15.28 -14.30
N GLY A 95 -31.31 -14.86 -14.38
CA GLY A 95 -30.44 -14.94 -13.23
C GLY A 95 -29.90 -16.33 -12.96
N ASN A 96 -29.77 -17.16 -13.99
CA ASN A 96 -29.31 -18.53 -13.85
C ASN A 96 -28.08 -18.72 -14.71
N ALA A 97 -26.94 -19.01 -14.08
CA ALA A 97 -25.72 -19.37 -14.78
C ALA A 97 -25.60 -20.88 -14.73
N ALA A 98 -26.07 -21.54 -15.78
CA ALA A 98 -26.16 -22.99 -15.84
C ALA A 98 -25.02 -23.54 -16.70
N LEU A 99 -24.14 -24.32 -16.09
CA LEU A 99 -23.05 -24.98 -16.79
C LEU A 99 -23.53 -26.36 -17.25
N GLN A 100 -23.51 -26.59 -18.55
CA GLN A 100 -23.92 -27.86 -19.13
C GLN A 100 -22.69 -28.60 -19.61
N ILE A 101 -22.52 -29.84 -19.11
CA ILE A 101 -21.39 -30.69 -19.48
C ILE A 101 -21.94 -32.00 -20.00
N THR A 102 -21.56 -32.35 -21.22
CA THR A 102 -22.06 -33.56 -21.87
C THR A 102 -21.06 -34.70 -21.71
N ASP A 103 -21.58 -35.93 -21.82
CA ASP A 103 -20.77 -37.15 -21.75
C ASP A 103 -19.95 -37.19 -20.47
N VAL A 104 -20.67 -37.14 -19.33
CA VAL A 104 -20.01 -37.11 -18.04
C VAL A 104 -19.25 -38.40 -17.82
N LYS A 105 -17.98 -38.27 -17.43
CA LYS A 105 -17.12 -39.40 -17.12
C LYS A 105 -16.68 -39.32 -15.66
N LEU A 106 -16.02 -40.38 -15.20
CA LEU A 106 -15.64 -40.48 -13.80
C LEU A 106 -14.70 -39.34 -13.39
N GLN A 107 -13.92 -38.82 -14.33
CA GLN A 107 -13.02 -37.71 -14.03
C GLN A 107 -13.78 -36.40 -13.76
N ASP A 108 -15.07 -36.34 -14.08
CA ASP A 108 -15.85 -35.12 -13.85
C ASP A 108 -16.31 -34.96 -12.42
N ALA A 109 -16.20 -36.00 -11.60
CA ALA A 109 -16.51 -35.86 -10.18
C ALA A 109 -15.43 -35.03 -9.50
N GLY A 110 -15.86 -34.18 -8.58
CA GLY A 110 -14.92 -33.36 -7.84
C GLY A 110 -15.59 -32.08 -7.36
N VAL A 111 -14.76 -31.09 -7.08
CA VAL A 111 -15.20 -29.82 -6.53
C VAL A 111 -15.18 -28.76 -7.64
N TYR A 112 -16.34 -28.20 -7.93
CA TYR A 112 -16.50 -27.13 -8.90
C TYR A 112 -16.68 -25.80 -8.18
N ARG A 113 -16.48 -24.72 -8.92
CA ARG A 113 -16.72 -23.39 -8.37
C ARG A 113 -17.16 -22.45 -9.49
N CYS A 114 -18.13 -21.61 -9.18
CA CYS A 114 -18.62 -20.58 -10.08
C CYS A 114 -18.29 -19.21 -9.50
N MET A 115 -18.00 -18.27 -10.39
CA MET A 115 -17.87 -16.86 -10.04
C MET A 115 -18.83 -16.08 -10.93
N ILE A 116 -19.71 -15.30 -10.31
CA ILE A 116 -20.62 -14.42 -11.04
C ILE A 116 -20.31 -12.98 -10.64
N SER A 117 -20.14 -12.12 -11.64
CA SER A 117 -19.98 -10.69 -11.41
C SER A 117 -21.07 -9.97 -12.17
N TYR A 118 -22.00 -9.36 -11.43
CA TYR A 118 -23.09 -8.56 -12.01
C TYR A 118 -23.40 -7.46 -11.01
N GLY A 119 -22.72 -6.32 -11.16
CA GLY A 119 -22.72 -5.30 -10.13
C GLY A 119 -21.79 -5.67 -9.00
N GLY A 120 -22.19 -6.64 -8.17
CA GLY A 120 -21.31 -7.26 -7.22
C GLY A 120 -20.76 -8.58 -7.75
N ALA A 121 -19.98 -9.25 -6.89
CA ALA A 121 -19.36 -10.51 -7.25
C ALA A 121 -19.41 -11.47 -6.07
N ASP A 122 -19.44 -12.77 -6.39
CA ASP A 122 -19.50 -13.79 -5.35
C ASP A 122 -19.02 -15.12 -5.93
N TYR A 123 -18.68 -16.04 -5.04
CA TYR A 123 -18.24 -17.37 -5.40
C TYR A 123 -19.09 -18.41 -4.70
N LYS A 124 -19.29 -19.55 -5.36
CA LYS A 124 -20.03 -20.67 -4.78
C LYS A 124 -19.37 -21.98 -5.16
N ARG A 125 -19.32 -22.89 -4.19
CA ARG A 125 -18.75 -24.22 -4.37
C ARG A 125 -19.85 -25.22 -4.68
N ILE A 126 -19.59 -26.11 -5.62
CA ILE A 126 -20.53 -27.18 -5.98
C ILE A 126 -19.75 -28.48 -6.08
N THR A 127 -20.25 -29.53 -5.45
CA THR A 127 -19.63 -30.85 -5.48
C THR A 127 -20.40 -31.77 -6.42
N VAL A 128 -19.67 -32.50 -7.26
CA VAL A 128 -20.25 -33.42 -8.22
C VAL A 128 -19.74 -34.82 -7.93
N LYS A 129 -20.67 -35.78 -7.83
CA LYS A 129 -20.36 -37.19 -7.68
C LYS A 129 -20.89 -37.95 -8.89
N VAL A 130 -20.05 -38.78 -9.50
CA VAL A 130 -20.40 -39.53 -10.69
C VAL A 130 -20.51 -41.00 -10.33
N ASN A 131 -21.68 -41.58 -10.54
CA ASN A 131 -21.89 -42.99 -10.23
C ASN A 131 -21.22 -43.88 -11.29
N ALA A 132 -20.91 -45.10 -10.88
CA ALA A 132 -20.27 -46.05 -11.77
C ALA A 132 -21.19 -46.36 -12.96
N PRO A 133 -20.62 -46.70 -14.12
CA PRO A 133 -21.46 -46.93 -15.31
C PRO A 133 -22.54 -47.97 -15.11
N TYR A 134 -22.22 -49.08 -14.43
CA TYR A 134 -23.18 -50.12 -14.10
C TYR A 134 -22.54 -51.18 -13.22
N ASP B 1 -22.18 -7.98 8.98
CA ASP B 1 -21.61 -7.91 7.64
C ASP B 1 -20.27 -8.64 7.58
N VAL B 2 -19.61 -8.57 6.42
CA VAL B 2 -18.35 -9.28 6.21
C VAL B 2 -17.22 -8.51 6.88
N GLN B 3 -16.31 -9.24 7.53
CA GLN B 3 -15.27 -8.65 8.35
C GLN B 3 -13.96 -9.41 8.15
N LEU B 4 -12.86 -8.65 8.13
CA LEU B 4 -11.50 -9.21 8.08
C LEU B 4 -10.68 -8.57 9.19
N VAL B 5 -9.99 -9.39 9.98
CA VAL B 5 -9.20 -8.91 11.10
C VAL B 5 -7.88 -9.67 11.14
N GLU B 6 -6.77 -8.96 10.99
CA GLU B 6 -5.46 -9.56 11.21
C GLU B 6 -5.07 -9.45 12.68
N SER B 7 -4.16 -10.33 13.10
CA SER B 7 -3.64 -10.32 14.46
C SER B 7 -2.33 -11.08 14.50
N GLY B 8 -1.57 -10.87 15.57
CA GLY B 8 -0.34 -11.58 15.79
C GLY B 8 0.93 -10.79 15.51
N GLY B 9 0.81 -9.58 14.95
CA GLY B 9 1.98 -8.78 14.70
C GLY B 9 2.65 -8.29 15.96
N GLY B 10 3.94 -8.00 15.84
CA GLY B 10 4.70 -7.55 17.00
C GLY B 10 6.18 -7.43 16.66
N LEU B 11 6.99 -7.40 17.71
CA LEU B 11 8.44 -7.27 17.58
C LEU B 11 9.08 -8.65 17.55
N VAL B 12 9.95 -8.88 16.57
CA VAL B 12 10.67 -10.14 16.40
C VAL B 12 12.14 -9.83 16.17
N GLN B 13 13.03 -10.63 16.77
CA GLN B 13 14.44 -10.52 16.47
C GLN B 13 14.75 -11.16 15.11
N PRO B 14 15.83 -10.72 14.45
CA PRO B 14 16.21 -11.35 13.17
C PRO B 14 16.47 -12.84 13.34
N GLY B 15 15.98 -13.63 12.39
CA GLY B 15 16.03 -15.07 12.48
C GLY B 15 14.90 -15.69 13.26
N GLY B 16 14.04 -14.89 13.87
CA GLY B 16 12.93 -15.40 14.65
C GLY B 16 11.76 -15.83 13.78
N SER B 17 10.69 -16.26 14.45
CA SER B 17 9.50 -16.77 13.79
C SER B 17 8.25 -16.11 14.40
N LEU B 18 7.24 -15.93 13.56
CA LEU B 18 5.99 -15.29 13.99
C LEU B 18 4.85 -15.83 13.14
N ARG B 19 3.70 -16.04 13.76
CA ARG B 19 2.51 -16.52 13.07
C ARG B 19 1.42 -15.47 13.13
N LEU B 20 0.90 -15.10 11.97
CA LEU B 20 -0.20 -14.14 11.89
C LEU B 20 -1.51 -14.88 11.66
N SER B 21 -2.60 -14.28 12.15
CA SER B 21 -3.93 -14.86 12.03
C SER B 21 -4.84 -13.89 11.30
N CYS B 22 -5.72 -14.44 10.47
CA CYS B 22 -6.71 -13.65 9.73
C CYS B 22 -8.08 -14.27 10.02
N THR B 23 -8.81 -13.71 10.97
CA THR B 23 -10.11 -14.21 11.35
C THR B 23 -11.17 -13.58 10.45
N VAL B 24 -11.97 -14.41 9.78
CA VAL B 24 -12.95 -13.94 8.81
C VAL B 24 -14.35 -14.07 9.41
N SER B 25 -15.25 -13.23 8.93
CA SER B 25 -16.66 -13.27 9.30
C SER B 25 -17.49 -13.08 8.04
N GLY B 26 -18.39 -14.02 7.78
CA GLY B 26 -19.21 -13.93 6.58
C GLY B 26 -18.49 -14.27 5.29
N ILE B 27 -17.45 -15.09 5.36
CA ILE B 27 -16.72 -15.55 4.18
C ILE B 27 -16.68 -17.07 4.22
N ASP B 28 -17.23 -17.71 3.19
CA ASP B 28 -17.15 -19.16 3.06
C ASP B 28 -15.75 -19.53 2.62
N LEU B 29 -14.93 -20.01 3.55
CA LEU B 29 -13.56 -20.37 3.26
C LEU B 29 -13.44 -21.57 2.33
N SER B 30 -14.50 -22.36 2.20
CA SER B 30 -14.53 -23.43 1.21
C SER B 30 -14.92 -22.92 -0.18
N SER B 31 -15.32 -21.65 -0.30
CA SER B 31 -15.67 -21.07 -1.58
C SER B 31 -14.79 -19.89 -1.98
N TYR B 32 -13.94 -19.39 -1.09
CA TYR B 32 -13.17 -18.18 -1.35
C TYR B 32 -11.68 -18.43 -1.18
N ASP B 33 -10.89 -17.84 -2.07
CA ASP B 33 -9.45 -17.73 -1.85
C ASP B 33 -9.16 -16.62 -0.85
N MET B 34 -8.01 -16.71 -0.19
CA MET B 34 -7.57 -15.70 0.76
C MET B 34 -6.10 -15.39 0.53
N THR B 35 -5.76 -14.10 0.45
CA THR B 35 -4.44 -13.66 0.04
C THR B 35 -3.77 -12.86 1.15
N TRP B 36 -2.45 -13.01 1.28
CA TRP B 36 -1.63 -12.22 2.19
C TRP B 36 -0.81 -11.22 1.38
N VAL B 37 -0.85 -9.95 1.77
CA VAL B 37 -0.11 -8.87 1.13
C VAL B 37 0.56 -8.04 2.21
N ARG B 38 1.82 -7.68 2.00
CA ARG B 38 2.56 -6.86 2.95
C ARG B 38 3.01 -5.56 2.29
N GLN B 39 3.37 -4.59 3.13
CA GLN B 39 3.79 -3.28 2.67
C GLN B 39 4.83 -2.74 3.64
N ALA B 40 6.09 -2.70 3.20
CA ALA B 40 7.15 -2.15 4.02
C ALA B 40 6.96 -0.64 4.19
N PRO B 41 7.49 -0.07 5.27
CA PRO B 41 7.31 1.37 5.51
C PRO B 41 7.82 2.21 4.35
N GLY B 42 6.91 2.99 3.75
CA GLY B 42 7.26 3.85 2.64
C GLY B 42 7.42 3.17 1.30
N LYS B 43 7.02 1.91 1.18
CA LYS B 43 7.17 1.16 -0.06
C LYS B 43 5.78 0.77 -0.58
N GLY B 44 5.77 -0.03 -1.65
CA GLY B 44 4.54 -0.44 -2.29
C GLY B 44 4.02 -1.78 -1.79
N LEU B 45 2.89 -2.18 -2.37
CA LEU B 45 2.31 -3.47 -2.05
C LEU B 45 3.15 -4.61 -2.62
N GLU B 46 3.27 -5.69 -1.86
CA GLU B 46 3.98 -6.88 -2.32
C GLU B 46 3.13 -8.11 -2.02
N TYR B 47 2.80 -8.86 -3.05
CA TYR B 47 2.10 -10.12 -2.88
C TYR B 47 3.00 -11.13 -2.17
N ILE B 48 2.44 -11.83 -1.19
CA ILE B 48 3.15 -12.86 -0.44
C ILE B 48 2.72 -14.25 -0.84
N GLY B 49 1.41 -14.49 -0.85
CA GLY B 49 0.88 -15.79 -1.18
C GLY B 49 -0.60 -15.81 -0.91
N TYR B 50 -1.22 -16.91 -1.35
CA TYR B 50 -2.64 -17.09 -1.08
C TYR B 50 -2.94 -18.58 -0.96
N ILE B 51 -4.06 -18.88 -0.31
CA ILE B 51 -4.56 -20.23 -0.15
C ILE B 51 -5.93 -20.30 -0.81
N SER B 52 -6.14 -21.31 -1.66
CA SER B 52 -7.34 -21.37 -2.46
C SER B 52 -8.51 -21.92 -1.66
N TYR B 53 -9.68 -21.95 -2.29
CA TYR B 53 -10.88 -22.52 -1.68
C TYR B 53 -10.78 -24.02 -1.49
N VAL B 54 -9.80 -24.68 -2.12
CA VAL B 54 -9.56 -26.11 -1.91
C VAL B 54 -8.24 -26.30 -1.18
N SER B 55 -7.83 -25.27 -0.43
CA SER B 55 -6.72 -25.34 0.53
C SER B 55 -5.35 -25.52 -0.14
N ARG B 56 -5.25 -25.29 -1.44
CA ARG B 56 -3.95 -25.28 -2.08
C ARG B 56 -3.27 -23.93 -1.86
N THR B 57 -1.95 -23.96 -1.70
CA THR B 57 -1.20 -22.77 -1.33
C THR B 57 -0.19 -22.42 -2.42
N TYR B 58 -0.01 -21.11 -2.62
CA TYR B 58 0.92 -20.58 -3.59
C TYR B 58 1.66 -19.41 -2.96
N TYR B 59 2.93 -19.25 -3.31
CA TYR B 59 3.80 -18.29 -2.63
C TYR B 59 4.58 -17.47 -3.64
N ALA B 60 4.88 -16.23 -3.27
CA ALA B 60 5.82 -15.41 -4.02
C ALA B 60 7.23 -15.92 -3.79
N ASP B 61 8.11 -15.69 -4.78
CA ASP B 61 9.47 -16.19 -4.70
C ASP B 61 10.23 -15.62 -3.50
N SER B 62 9.86 -14.41 -3.06
CA SER B 62 10.60 -13.74 -2.00
C SER B 62 10.39 -14.37 -0.63
N VAL B 63 9.42 -15.28 -0.48
CA VAL B 63 9.14 -15.89 0.82
C VAL B 63 9.12 -17.42 0.71
N LYS B 64 9.52 -17.96 -0.44
CA LYS B 64 9.56 -19.40 -0.61
C LYS B 64 10.56 -20.02 0.37
N GLY B 65 10.13 -21.09 1.03
CA GLY B 65 10.96 -21.77 2.00
C GLY B 65 10.97 -21.16 3.38
N ARG B 66 10.32 -20.02 3.58
CA ARG B 66 10.27 -19.35 4.87
C ARG B 66 8.86 -19.15 5.39
N PHE B 67 7.90 -18.81 4.53
CA PHE B 67 6.53 -18.54 4.94
C PHE B 67 5.63 -19.69 4.50
N THR B 68 4.69 -20.05 5.36
CA THR B 68 3.69 -21.07 5.05
C THR B 68 2.31 -20.57 5.43
N ILE B 69 1.34 -20.82 4.56
CA ILE B 69 -0.04 -20.37 4.73
C ILE B 69 -0.92 -21.59 4.95
N SER B 70 -1.78 -21.53 5.97
CA SER B 70 -2.69 -22.62 6.29
C SER B 70 -4.06 -22.04 6.63
N LYS B 71 -5.04 -22.92 6.78
CA LYS B 71 -6.41 -22.53 7.04
C LYS B 71 -7.04 -23.46 8.06
N ASP B 72 -7.79 -22.87 9.01
CA ASP B 72 -8.58 -23.61 9.99
C ASP B 72 -10.02 -23.18 9.80
N THR B 73 -10.79 -23.96 9.03
CA THR B 73 -12.17 -23.58 8.72
C THR B 73 -13.04 -23.57 9.97
N SER B 74 -12.81 -24.49 10.90
CA SER B 74 -13.61 -24.54 12.13
C SER B 74 -13.39 -23.32 13.03
N LYS B 75 -12.36 -22.52 12.77
CA LYS B 75 -12.09 -21.33 13.56
C LYS B 75 -12.14 -20.05 12.73
N ASN B 76 -12.59 -20.13 11.48
CA ASN B 76 -12.74 -18.96 10.60
C ASN B 76 -11.44 -18.18 10.45
N THR B 77 -10.31 -18.87 10.44
CA THR B 77 -9.02 -18.21 10.48
C THR B 77 -8.11 -18.75 9.38
N VAL B 78 -7.36 -17.83 8.75
CA VAL B 78 -6.28 -18.16 7.84
C VAL B 78 -4.97 -17.68 8.46
N TYR B 79 -3.95 -18.52 8.42
CA TYR B 79 -2.69 -18.27 9.11
C TYR B 79 -1.57 -17.98 8.13
N LEU B 80 -0.61 -17.18 8.60
CA LEU B 80 0.65 -16.94 7.88
C LEU B 80 1.79 -17.20 8.86
N GLN B 81 2.42 -18.37 8.73
CA GLN B 81 3.55 -18.74 9.58
C GLN B 81 4.83 -18.26 8.91
N MET B 82 5.51 -17.30 9.54
CA MET B 82 6.71 -16.69 9.01
C MET B 82 7.92 -17.18 9.78
N ASN B 83 8.88 -17.76 9.06
CA ASN B 83 10.11 -18.29 9.66
C ASN B 83 11.31 -17.56 9.07
N SER B 84 12.41 -17.57 9.83
CA SER B 84 13.67 -16.95 9.41
C SER B 84 13.46 -15.51 8.97
N LEU B 85 12.82 -14.74 9.84
CA LEU B 85 12.49 -13.35 9.52
C LEU B 85 13.75 -12.50 9.43
N ARG B 86 13.80 -11.65 8.41
CA ARG B 86 14.85 -10.67 8.22
C ARG B 86 14.31 -9.27 8.47
N ALA B 87 15.23 -8.31 8.60
CA ALA B 87 14.83 -6.92 8.80
C ALA B 87 14.00 -6.40 7.64
N GLU B 88 14.24 -6.92 6.43
CA GLU B 88 13.45 -6.51 5.27
C GLU B 88 12.01 -6.97 5.37
N ASP B 89 11.70 -7.93 6.23
CA ASP B 89 10.33 -8.39 6.39
C ASP B 89 9.47 -7.44 7.20
N THR B 90 10.06 -6.39 7.77
CA THR B 90 9.31 -5.41 8.54
C THR B 90 8.29 -4.72 7.64
N ALA B 91 7.00 -4.90 7.96
CA ALA B 91 5.95 -4.38 7.10
C ALA B 91 4.61 -4.54 7.81
N VAL B 92 3.63 -3.80 7.31
CA VAL B 92 2.23 -4.07 7.64
C VAL B 92 1.76 -5.23 6.79
N TYR B 93 1.10 -6.20 7.42
CA TYR B 93 0.65 -7.40 6.74
C TYR B 93 -0.87 -7.41 6.64
N TYR B 94 -1.38 -7.50 5.42
CA TYR B 94 -2.80 -7.53 5.13
C TYR B 94 -3.21 -8.92 4.67
N CYS B 95 -4.37 -9.37 5.12
CA CYS B 95 -5.05 -10.50 4.50
C CYS B 95 -6.26 -9.96 3.75
N ALA B 96 -6.45 -10.45 2.52
CA ALA B 96 -7.48 -9.93 1.65
C ALA B 96 -8.36 -11.07 1.15
N ARG B 97 -9.65 -10.82 1.07
CA ARG B 97 -10.56 -11.77 0.46
C ARG B 97 -10.22 -11.93 -1.02
N ASP B 98 -10.35 -13.16 -1.53
CA ASP B 98 -10.07 -13.48 -2.92
C ASP B 98 -8.60 -13.29 -3.26
N ARG B 99 -8.27 -13.35 -4.55
CA ARG B 99 -6.92 -13.22 -5.08
C ARG B 99 -6.65 -11.80 -5.54
N PRO B 100 -5.37 -11.44 -5.75
CA PRO B 100 -5.06 -10.06 -6.16
C PRO B 100 -5.75 -9.62 -7.44
N ASP B 101 -6.09 -10.55 -8.33
CA ASP B 101 -6.83 -10.23 -9.55
C ASP B 101 -8.30 -10.60 -9.45
N GLY B 102 -8.80 -10.93 -8.25
CA GLY B 102 -10.15 -11.43 -8.11
C GLY B 102 -11.19 -10.35 -8.20
N ALA B 103 -12.42 -10.79 -8.53
CA ALA B 103 -13.55 -9.87 -8.61
C ALA B 103 -14.09 -9.47 -7.25
N ALA B 104 -13.75 -10.20 -6.19
CA ALA B 104 -14.27 -9.93 -4.86
C ALA B 104 -13.18 -9.55 -3.87
N THR B 105 -12.05 -9.03 -4.34
CA THR B 105 -10.98 -8.62 -3.45
C THR B 105 -11.14 -7.19 -2.96
N ASN B 106 -12.39 -6.71 -2.88
CA ASN B 106 -12.68 -5.37 -2.39
C ASN B 106 -12.62 -5.25 -0.87
N LEU B 107 -12.48 -6.36 -0.15
CA LEU B 107 -12.48 -6.34 1.31
C LEU B 107 -11.10 -6.71 1.82
N TRP B 108 -10.47 -5.80 2.56
CA TRP B 108 -9.17 -5.99 3.16
C TRP B 108 -9.27 -5.76 4.67
N GLY B 109 -8.35 -6.37 5.40
CA GLY B 109 -8.22 -6.09 6.81
C GLY B 109 -7.52 -4.76 7.05
N GLN B 110 -7.47 -4.37 8.32
CA GLN B 110 -6.77 -3.13 8.67
C GLN B 110 -5.26 -3.32 8.69
N GLY B 111 -4.77 -4.55 8.71
CA GLY B 111 -3.34 -4.82 8.71
C GLY B 111 -2.79 -4.91 10.12
N THR B 112 -1.75 -5.74 10.26
CA THR B 112 -1.02 -5.87 11.51
C THR B 112 0.46 -5.62 11.25
N LEU B 113 1.10 -4.91 12.18
CA LEU B 113 2.47 -4.47 12.00
C LEU B 113 3.45 -5.51 12.54
N VAL B 114 4.40 -5.92 11.70
CA VAL B 114 5.47 -6.84 12.08
C VAL B 114 6.78 -6.08 11.98
N THR B 115 7.54 -6.09 13.08
CA THR B 115 8.83 -5.41 13.14
C THR B 115 9.92 -6.44 13.42
N VAL B 116 10.92 -6.50 12.55
CA VAL B 116 12.05 -7.40 12.71
C VAL B 116 13.28 -6.53 12.92
N SER B 117 13.89 -6.61 14.09
CA SER B 117 15.02 -5.76 14.43
C SER B 117 15.74 -6.32 15.64
N SER B 118 17.04 -6.07 15.72
CA SER B 118 17.83 -6.39 16.90
C SER B 118 17.79 -5.30 17.95
N ALA B 119 17.20 -4.15 17.63
CA ALA B 119 17.20 -3.01 18.54
C ALA B 119 16.35 -3.30 19.78
N SER B 120 16.72 -2.67 20.88
CA SER B 120 15.97 -2.76 22.12
C SER B 120 15.17 -1.47 22.34
N THR B 121 14.14 -1.57 23.18
CA THR B 121 13.31 -0.41 23.48
C THR B 121 14.16 0.68 24.13
N LYS B 122 14.01 1.90 23.63
CA LYS B 122 14.78 3.03 24.14
C LYS B 122 14.02 4.31 23.85
N GLY B 123 13.87 5.15 24.88
CA GLY B 123 13.29 6.46 24.71
C GLY B 123 14.22 7.38 23.95
N PRO B 124 13.64 8.36 23.26
CA PRO B 124 14.45 9.26 22.45
C PRO B 124 15.13 10.34 23.27
N SER B 125 16.26 10.81 22.73
CA SER B 125 16.88 12.03 23.23
C SER B 125 16.33 13.21 22.43
N VAL B 126 15.89 14.24 23.13
CA VAL B 126 15.28 15.42 22.52
C VAL B 126 16.29 16.55 22.55
N PHE B 127 16.59 17.11 21.39
CA PHE B 127 17.53 18.21 21.27
C PHE B 127 16.87 19.40 20.61
N PRO B 128 17.23 20.63 20.99
CA PRO B 128 16.58 21.81 20.41
C PRO B 128 17.19 22.19 19.06
N LEU B 129 16.32 22.71 18.20
CA LEU B 129 16.72 23.36 16.96
C LEU B 129 16.43 24.85 17.17
N ALA B 130 17.40 25.56 17.74
CA ALA B 130 17.16 26.89 18.25
C ALA B 130 16.83 27.86 17.11
N PRO B 131 15.81 28.72 17.30
CA PRO B 131 15.49 29.70 16.26
C PRO B 131 16.58 30.76 16.15
N SER B 132 16.92 31.10 14.91
CA SER B 132 17.94 32.10 14.65
C SER B 132 17.37 33.50 14.78
N SER B 133 18.10 34.37 15.48
CA SER B 133 17.76 35.78 15.59
C SER B 133 18.85 36.56 14.85
N LYS B 134 18.67 36.71 13.54
CA LYS B 134 19.69 37.33 12.70
C LYS B 134 18.99 38.08 11.56
N SER B 135 19.82 38.62 10.65
CA SER B 135 19.33 39.58 9.67
C SER B 135 18.36 38.94 8.67
N THR B 136 18.84 37.97 7.90
CA THR B 136 18.00 37.31 6.90
C THR B 136 17.04 36.36 7.62
N SER B 137 15.94 36.94 8.10
CA SER B 137 14.98 36.17 8.88
C SER B 137 14.34 35.08 8.04
N GLY B 138 14.09 35.35 6.75
CA GLY B 138 13.45 34.38 5.90
C GLY B 138 11.94 34.40 5.94
N GLY B 139 11.34 35.56 6.16
CA GLY B 139 9.89 35.68 6.30
C GLY B 139 9.39 35.48 7.70
N THR B 140 9.73 34.34 8.31
CA THR B 140 9.35 34.03 9.68
C THR B 140 10.54 33.39 10.38
N ALA B 141 10.32 32.86 11.57
CA ALA B 141 11.34 32.17 12.34
C ALA B 141 11.02 30.69 12.41
N ALA B 142 12.04 29.85 12.31
CA ALA B 142 11.87 28.41 12.35
C ALA B 142 12.58 27.84 13.57
N LEU B 143 11.90 26.98 14.30
CA LEU B 143 12.46 26.31 15.47
C LEU B 143 11.86 24.92 15.57
N GLY B 144 12.55 24.04 16.27
CA GLY B 144 12.06 22.68 16.36
C GLY B 144 12.83 21.85 17.36
N CYS B 145 12.52 20.57 17.36
CA CYS B 145 13.14 19.59 18.24
C CYS B 145 13.61 18.39 17.43
N LEU B 146 14.78 17.88 17.79
CA LEU B 146 15.33 16.68 17.17
C LEU B 146 15.04 15.49 18.09
N VAL B 147 14.14 14.61 17.64
CA VAL B 147 13.79 13.40 18.38
C VAL B 147 14.71 12.29 17.86
N LYS B 148 15.68 11.89 18.68
CA LYS B 148 16.83 11.14 18.21
C LYS B 148 16.97 9.82 18.95
N ASP B 149 17.27 8.76 18.19
CA ASP B 149 17.73 7.46 18.72
C ASP B 149 16.70 6.85 19.67
N TYR B 150 15.54 6.50 19.09
CA TYR B 150 14.50 5.80 19.83
C TYR B 150 14.07 4.55 19.06
N PHE B 151 13.40 3.65 19.77
CA PHE B 151 12.89 2.40 19.24
C PHE B 151 11.90 1.84 20.25
N PRO B 152 10.71 1.35 19.83
CA PRO B 152 10.11 1.32 18.48
C PRO B 152 9.26 2.54 18.15
N GLU B 153 8.32 2.41 17.19
CA GLU B 153 7.77 3.57 16.49
C GLU B 153 6.25 3.79 16.61
N PRO B 154 5.74 4.21 17.78
CA PRO B 154 5.07 5.52 17.83
C PRO B 154 5.96 6.54 18.53
N VAL B 155 6.08 7.73 17.97
CA VAL B 155 6.41 8.91 18.76
C VAL B 155 5.39 9.99 18.41
N THR B 156 4.83 10.61 19.43
CA THR B 156 3.87 11.69 19.26
C THR B 156 4.50 12.98 19.76
N VAL B 157 4.46 14.01 18.91
CA VAL B 157 5.04 15.32 19.21
C VAL B 157 3.93 16.36 19.14
N SER B 158 3.84 17.19 20.17
CA SER B 158 2.96 18.34 20.16
C SER B 158 3.74 19.56 20.62
N TRP B 159 3.19 20.73 20.38
CA TRP B 159 3.82 21.99 20.74
C TRP B 159 2.90 22.77 21.67
N ASN B 160 3.44 23.15 22.84
CA ASN B 160 2.69 23.90 23.84
C ASN B 160 1.39 23.19 24.21
N SER B 161 1.51 21.88 24.45
CA SER B 161 0.40 21.02 24.89
C SER B 161 -0.77 21.07 23.91
N GLY B 162 -0.48 21.18 22.62
CA GLY B 162 -1.51 21.22 21.60
C GLY B 162 -2.08 22.60 21.33
N ALA B 163 -1.67 23.62 22.08
CA ALA B 163 -2.15 24.98 21.81
C ALA B 163 -1.51 25.59 20.58
N LEU B 164 -0.38 25.06 20.14
CA LEU B 164 0.33 25.55 18.96
C LEU B 164 0.28 24.47 17.88
N THR B 165 -0.55 24.68 16.86
CA THR B 165 -0.69 23.72 15.76
C THR B 165 -0.39 24.32 14.40
N SER B 166 -0.65 25.60 14.18
CA SER B 166 -0.39 26.22 12.89
C SER B 166 1.11 26.27 12.61
N GLY B 167 1.48 25.92 11.38
CA GLY B 167 2.87 25.94 10.97
C GLY B 167 3.71 24.81 11.48
N VAL B 168 3.10 23.81 12.13
CA VAL B 168 3.82 22.67 12.69
C VAL B 168 4.02 21.63 11.60
N HIS B 169 5.26 21.16 11.44
CA HIS B 169 5.59 20.08 10.53
C HIS B 169 6.39 19.04 11.29
N THR B 170 5.77 17.89 11.58
CA THR B 170 6.47 16.76 12.19
C THR B 170 6.79 15.76 11.08
N PHE B 171 8.07 15.48 10.89
CA PHE B 171 8.47 14.69 9.75
C PHE B 171 8.40 13.20 10.05
N PRO B 172 8.20 12.38 9.02
CA PRO B 172 8.29 10.93 9.20
C PRO B 172 9.66 10.52 9.71
N ALA B 173 9.68 9.51 10.57
CA ALA B 173 10.93 9.04 11.15
C ALA B 173 11.79 8.37 10.08
N VAL B 174 13.11 8.39 10.32
CA VAL B 174 14.08 7.74 9.46
C VAL B 174 14.75 6.63 10.27
N LEU B 175 14.81 5.44 9.68
CA LEU B 175 15.45 4.30 10.32
C LEU B 175 16.96 4.40 10.11
N GLN B 176 17.69 4.69 11.18
CA GLN B 176 19.13 4.84 11.09
C GLN B 176 19.82 3.47 11.03
N SER B 177 21.06 3.48 10.52
CA SER B 177 21.81 2.24 10.36
C SER B 177 22.04 1.52 11.69
N SER B 178 21.97 2.24 12.81
CA SER B 178 22.07 1.61 14.11
C SER B 178 20.81 0.82 14.49
N GLY B 179 19.75 0.92 13.69
CA GLY B 179 18.48 0.31 14.02
C GLY B 179 17.57 1.17 14.86
N LEU B 180 17.97 2.40 15.17
CA LEU B 180 17.16 3.34 15.93
C LEU B 180 16.53 4.37 15.01
N TYR B 181 15.38 4.88 15.41
CA TYR B 181 14.66 5.87 14.63
C TYR B 181 15.02 7.28 15.09
N SER B 182 14.77 8.24 14.21
CA SER B 182 15.03 9.64 14.50
C SER B 182 14.19 10.51 13.57
N LEU B 183 13.71 11.64 14.11
CA LEU B 183 12.94 12.58 13.30
C LEU B 183 13.11 13.98 13.88
N SER B 184 12.64 14.96 13.11
CA SER B 184 12.59 16.34 13.55
C SER B 184 11.16 16.86 13.43
N SER B 185 10.75 17.65 14.41
CA SER B 185 9.47 18.36 14.38
C SER B 185 9.76 19.85 14.49
N VAL B 186 9.30 20.62 13.52
CA VAL B 186 9.59 22.04 13.43
C VAL B 186 8.28 22.81 13.32
N VAL B 187 8.36 24.11 13.64
CA VAL B 187 7.22 25.00 13.51
C VAL B 187 7.76 26.39 13.13
N THR B 188 7.04 27.05 12.23
CA THR B 188 7.35 28.42 11.84
C THR B 188 6.50 29.38 12.65
N VAL B 189 7.14 30.38 13.23
CA VAL B 189 6.47 31.30 14.15
C VAL B 189 6.79 32.72 13.72
N PRO B 190 5.95 33.69 14.11
CA PRO B 190 6.29 35.09 13.86
C PRO B 190 7.63 35.47 14.47
N SER B 191 8.41 36.23 13.72
CA SER B 191 9.77 36.57 14.17
C SER B 191 9.75 37.40 15.44
N SER B 192 8.74 38.26 15.60
CA SER B 192 8.67 39.13 16.77
C SER B 192 8.39 38.37 18.05
N SER B 193 7.82 37.17 17.96
CA SER B 193 7.40 36.41 19.13
C SER B 193 8.49 35.55 19.75
N LEU B 194 9.70 35.55 19.16
CA LEU B 194 10.76 34.70 19.69
C LEU B 194 11.12 35.07 21.12
N GLY B 195 11.24 36.37 21.41
CA GLY B 195 11.55 36.80 22.76
C GLY B 195 10.35 36.78 23.69
N THR B 196 9.15 36.93 23.14
CA THR B 196 7.95 37.02 23.96
C THR B 196 7.37 35.64 24.27
N GLN B 197 7.18 34.81 23.25
CA GLN B 197 6.50 33.53 23.41
C GLN B 197 7.48 32.43 23.76
N THR B 198 7.04 31.54 24.65
CA THR B 198 7.81 30.36 25.03
C THR B 198 7.33 29.17 24.21
N TYR B 199 8.27 28.47 23.59
CA TYR B 199 7.96 27.33 22.72
C TYR B 199 8.50 26.06 23.36
N ILE B 200 7.61 25.09 23.58
CA ILE B 200 7.95 23.82 24.19
C ILE B 200 7.40 22.71 23.31
N CYS B 201 8.26 21.75 22.97
CA CYS B 201 7.85 20.57 22.23
C CYS B 201 7.60 19.43 23.20
N ASN B 202 6.48 18.74 23.04
CA ASN B 202 6.07 17.67 23.94
C ASN B 202 6.24 16.34 23.22
N VAL B 203 7.36 15.68 23.47
CA VAL B 203 7.65 14.39 22.88
C VAL B 203 7.14 13.29 23.80
N ASN B 204 6.38 12.35 23.24
CA ASN B 204 5.84 11.23 24.00
C ASN B 204 6.16 9.94 23.27
N HIS B 205 6.84 9.03 23.94
CA HIS B 205 7.20 7.72 23.39
C HIS B 205 6.58 6.65 24.28
N LYS B 206 5.40 6.16 23.88
CA LYS B 206 4.68 5.20 24.70
C LYS B 206 5.44 3.91 25.01
N PRO B 207 6.14 3.26 24.06
CA PRO B 207 6.81 2.00 24.41
C PRO B 207 7.83 2.12 25.53
N SER B 208 8.50 3.27 25.65
CA SER B 208 9.43 3.49 26.75
C SER B 208 8.79 4.23 27.92
N ASN B 209 7.49 4.55 27.81
CA ASN B 209 6.78 5.28 28.87
C ASN B 209 7.50 6.57 29.23
N THR B 210 7.95 7.29 28.21
CA THR B 210 8.71 8.52 28.40
C THR B 210 7.94 9.72 27.88
N LYS B 211 8.01 10.82 28.63
CA LYS B 211 7.40 12.09 28.24
C LYS B 211 8.40 13.20 28.52
N VAL B 212 8.84 13.89 27.47
CA VAL B 212 9.87 14.91 27.57
C VAL B 212 9.28 16.23 27.07
N ASP B 213 9.47 17.29 27.86
CA ASP B 213 9.06 18.65 27.48
C ASP B 213 10.32 19.48 27.33
N LYS B 214 10.78 19.66 26.10
CA LYS B 214 11.99 20.40 25.81
C LYS B 214 11.63 21.82 25.37
N LYS B 215 12.19 22.81 26.06
CA LYS B 215 11.96 24.21 25.73
C LYS B 215 13.00 24.68 24.73
N VAL B 216 12.55 25.31 23.65
CA VAL B 216 13.43 25.80 22.61
C VAL B 216 13.54 27.32 22.80
N GLU B 217 14.74 27.80 23.13
CA GLU B 217 14.96 29.21 23.36
C GLU B 217 15.84 29.80 22.26
N PRO B 218 15.64 31.06 21.90
CA PRO B 218 16.47 31.69 20.87
C PRO B 218 17.90 31.87 21.35
N LYS B 219 18.83 31.90 20.38
CA LYS B 219 20.25 32.05 20.64
C LYS B 219 20.70 33.40 20.09
N SER B 220 21.06 34.32 21.00
CA SER B 220 21.54 35.64 20.61
C SER B 220 22.15 36.37 21.80
N ASP C 1 11.31 -12.49 -11.90
CA ASP C 1 11.08 -13.06 -13.23
C ASP C 1 9.97 -12.30 -13.94
N ILE C 2 8.87 -12.04 -13.25
CA ILE C 2 7.75 -11.27 -13.77
C ILE C 2 7.79 -9.88 -13.13
N GLN C 3 7.94 -8.85 -13.97
CA GLN C 3 7.98 -7.46 -13.50
C GLN C 3 6.84 -6.68 -14.12
N MET C 4 6.25 -5.78 -13.33
CA MET C 4 5.18 -4.92 -13.79
C MET C 4 5.56 -3.48 -13.47
N THR C 5 5.67 -2.65 -14.51
CA THR C 5 6.14 -1.28 -14.37
C THR C 5 5.00 -0.31 -14.60
N GLN C 6 4.81 0.62 -13.66
CA GLN C 6 3.82 1.67 -13.78
C GLN C 6 4.50 2.95 -14.24
N SER C 7 3.79 3.70 -15.10
CA SER C 7 4.28 4.99 -15.56
C SER C 7 3.09 5.93 -15.71
N PRO C 8 3.20 7.18 -15.25
CA PRO C 8 4.36 7.78 -14.57
C PRO C 8 4.40 7.39 -13.09
N SER C 9 5.54 7.58 -12.42
CA SER C 9 5.60 7.27 -10.99
C SER C 9 4.88 8.31 -10.15
N THR C 10 4.69 9.52 -10.68
CA THR C 10 3.98 10.58 -9.96
C THR C 10 3.19 11.42 -10.95
N LEU C 11 1.97 11.79 -10.55
CA LEU C 11 1.08 12.60 -11.36
C LEU C 11 0.68 13.86 -10.59
N SER C 12 0.60 14.98 -11.28
CA SER C 12 0.13 16.24 -10.70
C SER C 12 -1.03 16.75 -11.53
N ALA C 13 -2.16 17.01 -10.88
CA ALA C 13 -3.36 17.43 -11.59
C ALA C 13 -4.25 18.23 -10.65
N SER C 14 -5.30 18.80 -11.20
CA SER C 14 -6.28 19.59 -10.47
C SER C 14 -7.64 18.91 -10.54
N VAL C 15 -8.55 19.34 -9.65
CA VAL C 15 -9.90 18.82 -9.67
C VAL C 15 -10.55 19.16 -10.99
N GLY C 16 -11.12 18.15 -11.64
CA GLY C 16 -11.73 18.30 -12.94
C GLY C 16 -10.85 17.87 -14.11
N ASP C 17 -9.57 17.61 -13.87
CA ASP C 17 -8.68 17.19 -14.92
C ASP C 17 -8.87 15.70 -15.23
N ARG C 18 -8.24 15.27 -16.31
CA ARG C 18 -8.19 13.86 -16.69
C ARG C 18 -6.74 13.39 -16.65
N VAL C 19 -6.50 12.26 -15.99
CA VAL C 19 -5.17 11.68 -15.89
C VAL C 19 -5.23 10.23 -16.35
N THR C 20 -4.07 9.72 -16.75
CA THR C 20 -3.94 8.36 -17.25
C THR C 20 -2.72 7.71 -16.62
N ILE C 21 -2.90 6.50 -16.10
CA ILE C 21 -1.82 5.71 -15.53
C ILE C 21 -1.61 4.49 -16.42
N THR C 22 -0.36 4.25 -16.81
CA THR C 22 -0.02 3.15 -17.69
C THR C 22 0.65 2.04 -16.89
N CYS C 23 0.21 0.80 -17.12
CA CYS C 23 0.76 -0.37 -16.45
C CYS C 23 1.26 -1.33 -17.53
N GLN C 24 2.54 -1.67 -17.49
CA GLN C 24 3.18 -2.56 -18.46
C GLN C 24 3.70 -3.79 -17.74
N SER C 25 3.42 -4.96 -18.30
CA SER C 25 3.82 -6.24 -17.73
C SER C 25 4.77 -6.96 -18.67
N SER C 26 5.82 -7.57 -18.11
CA SER C 26 6.75 -8.33 -18.93
C SER C 26 6.10 -9.59 -19.50
N GLN C 27 5.10 -10.12 -18.81
CA GLN C 27 4.42 -11.35 -19.21
C GLN C 27 2.93 -11.08 -19.40
N ASN C 28 2.33 -11.76 -20.37
CA ASN C 28 0.89 -11.64 -20.57
C ASN C 28 0.15 -12.05 -19.31
N VAL C 29 -0.82 -11.23 -18.90
CA VAL C 29 -1.66 -11.61 -17.77
C VAL C 29 -2.55 -12.78 -18.18
N TYR C 30 -3.06 -13.49 -17.17
CA TYR C 30 -3.86 -14.67 -17.42
C TYR C 30 -5.07 -14.33 -18.26
N SER C 31 -5.31 -15.13 -19.31
CA SER C 31 -6.41 -14.93 -20.25
C SER C 31 -6.40 -13.54 -20.86
N ASN C 32 -5.25 -12.87 -20.83
CA ASN C 32 -5.00 -11.54 -21.37
C ASN C 32 -5.81 -10.43 -20.72
N ASN C 33 -6.54 -10.72 -19.63
CA ASN C 33 -7.38 -9.69 -19.04
C ASN C 33 -7.31 -9.60 -17.52
N ARG C 34 -6.51 -10.44 -16.85
CA ARG C 34 -6.46 -10.44 -15.39
C ARG C 34 -5.53 -9.34 -14.88
N LEU C 35 -6.01 -8.10 -15.00
CA LEU C 35 -5.32 -6.94 -14.43
C LEU C 35 -6.30 -6.16 -13.57
N SER C 36 -5.86 -5.81 -12.36
CA SER C 36 -6.68 -5.07 -11.42
C SER C 36 -6.00 -3.76 -11.02
N TRP C 37 -6.81 -2.78 -10.63
CA TRP C 37 -6.34 -1.48 -10.17
C TRP C 37 -6.76 -1.26 -8.74
N TYR C 38 -5.86 -0.68 -7.94
CA TYR C 38 -6.11 -0.42 -6.53
C TYR C 38 -5.81 1.04 -6.21
N GLN C 39 -6.54 1.56 -5.23
CA GLN C 39 -6.34 2.91 -4.71
C GLN C 39 -6.00 2.81 -3.23
N GLN C 40 -4.95 3.51 -2.81
CA GLN C 40 -4.53 3.50 -1.42
C GLN C 40 -4.20 4.91 -0.95
N LYS C 41 -4.76 5.29 0.20
CA LYS C 41 -4.45 6.53 0.88
C LYS C 41 -3.61 6.24 2.12
N PRO C 42 -2.75 7.18 2.55
CA PRO C 42 -1.82 6.89 3.63
C PRO C 42 -2.54 6.47 4.91
N GLY C 43 -2.00 5.43 5.56
CA GLY C 43 -2.57 4.90 6.77
C GLY C 43 -3.78 4.01 6.58
N LYS C 44 -4.12 3.66 5.34
CA LYS C 44 -5.31 2.88 5.06
C LYS C 44 -4.95 1.69 4.16
N ALA C 45 -5.80 0.67 4.23
CA ALA C 45 -5.64 -0.50 3.38
C ALA C 45 -6.00 -0.16 1.94
N PRO C 46 -5.48 -0.92 0.98
CA PRO C 46 -5.82 -0.66 -0.43
C PRO C 46 -7.30 -0.87 -0.69
N LYS C 47 -7.80 -0.16 -1.70
CA LYS C 47 -9.19 -0.24 -2.13
C LYS C 47 -9.23 -0.71 -3.57
N LEU C 48 -10.01 -1.76 -3.84
CA LEU C 48 -10.14 -2.29 -5.19
C LEU C 48 -11.02 -1.36 -6.03
N LEU C 49 -10.46 -0.86 -7.14
CA LEU C 49 -11.19 -0.03 -8.08
C LEU C 49 -11.72 -0.82 -9.26
N ILE C 50 -10.86 -1.56 -9.95
CA ILE C 50 -11.20 -2.23 -11.20
C ILE C 50 -10.56 -3.61 -11.20
N TYR C 51 -11.30 -4.59 -11.72
CA TYR C 51 -10.79 -5.93 -11.97
C TYR C 51 -11.16 -6.35 -13.38
N TRP C 52 -10.49 -7.40 -13.87
CA TRP C 52 -10.72 -7.91 -15.23
C TRP C 52 -10.58 -6.79 -16.26
N THR C 53 -9.65 -5.88 -15.98
CA THR C 53 -9.16 -4.80 -16.84
C THR C 53 -10.13 -3.62 -17.00
N SER C 54 -11.41 -3.83 -16.76
CA SER C 54 -12.35 -2.74 -16.96
C SER C 54 -13.58 -2.79 -16.07
N PHE C 55 -13.71 -3.76 -15.18
CA PHE C 55 -14.93 -3.94 -14.41
C PHE C 55 -14.83 -3.19 -13.09
N LEU C 56 -15.67 -2.18 -12.91
CA LEU C 56 -15.66 -1.41 -11.66
C LEU C 56 -16.19 -2.24 -10.51
N ALA C 57 -15.53 -2.13 -9.36
CA ALA C 57 -16.06 -2.74 -8.15
C ALA C 57 -17.30 -1.99 -7.70
N SER C 58 -18.03 -2.58 -6.76
CA SER C 58 -19.27 -1.97 -6.27
C SER C 58 -18.98 -0.62 -5.63
N GLY C 59 -19.72 0.40 -6.06
CA GLY C 59 -19.59 1.73 -5.52
C GLY C 59 -18.53 2.59 -6.17
N VAL C 60 -17.73 2.04 -7.09
CA VAL C 60 -16.68 2.82 -7.73
C VAL C 60 -17.31 3.75 -8.76
N PRO C 61 -17.03 5.05 -8.71
CA PRO C 61 -17.65 5.98 -9.66
C PRO C 61 -17.25 5.67 -11.10
N SER C 62 -18.16 5.98 -12.01
CA SER C 62 -17.95 5.70 -13.43
C SER C 62 -16.82 6.52 -14.04
N ARG C 63 -16.34 7.56 -13.35
CA ARG C 63 -15.23 8.33 -13.88
C ARG C 63 -13.94 7.54 -13.93
N PHE C 64 -13.85 6.42 -13.22
CA PHE C 64 -12.73 5.50 -13.34
C PHE C 64 -12.98 4.56 -14.51
N SER C 65 -11.97 4.38 -15.36
CA SER C 65 -12.11 3.52 -16.53
C SER C 65 -10.78 2.82 -16.79
N GLY C 66 -10.86 1.53 -17.08
CA GLY C 66 -9.68 0.73 -17.38
C GLY C 66 -9.75 0.15 -18.77
N SER C 67 -8.58 -0.06 -19.37
CA SER C 67 -8.50 -0.60 -20.71
C SER C 67 -7.14 -1.27 -20.89
N GLY C 68 -7.04 -2.06 -21.95
CA GLY C 68 -5.81 -2.74 -22.29
C GLY C 68 -6.01 -4.24 -22.43
N SER C 69 -4.94 -4.90 -22.84
CA SER C 69 -4.94 -6.34 -23.01
C SER C 69 -3.49 -6.82 -23.03
N GLY C 70 -3.30 -8.10 -22.74
CA GLY C 70 -1.98 -8.68 -22.82
C GLY C 70 -1.01 -8.12 -21.81
N THR C 71 -0.13 -7.22 -22.26
CA THR C 71 0.96 -6.71 -21.45
C THR C 71 0.92 -5.20 -21.24
N GLU C 72 -0.02 -4.49 -21.86
CA GLU C 72 -0.14 -3.04 -21.70
C GLU C 72 -1.55 -2.70 -21.24
N PHE C 73 -1.65 -1.91 -20.17
CA PHE C 73 -2.94 -1.58 -19.58
C PHE C 73 -2.93 -0.11 -19.13
N THR C 74 -4.13 0.45 -19.03
CA THR C 74 -4.29 1.87 -18.74
C THR C 74 -5.46 2.08 -17.80
N LEU C 75 -5.24 2.90 -16.77
CA LEU C 75 -6.31 3.40 -15.91
C LEU C 75 -6.53 4.88 -16.20
N THR C 76 -7.77 5.26 -16.46
CA THR C 76 -8.13 6.63 -16.77
C THR C 76 -9.10 7.15 -15.73
N ILE C 77 -8.77 8.30 -15.15
CA ILE C 77 -9.64 9.01 -14.22
C ILE C 77 -10.05 10.30 -14.90
N SER C 78 -11.33 10.40 -15.28
CA SER C 78 -11.87 11.58 -15.93
C SER C 78 -12.53 12.47 -14.90
N SER C 79 -12.24 13.78 -14.96
CA SER C 79 -12.81 14.76 -14.05
C SER C 79 -12.51 14.41 -12.59
N LEU C 80 -11.22 14.50 -12.28
CA LEU C 80 -10.72 14.22 -10.92
C LEU C 80 -11.56 14.93 -9.86
N GLN C 81 -11.76 14.23 -8.75
CA GLN C 81 -12.42 14.75 -7.56
C GLN C 81 -11.43 14.73 -6.41
N PRO C 82 -11.66 15.54 -5.37
CA PRO C 82 -10.69 15.57 -4.25
C PRO C 82 -10.44 14.22 -3.61
N ASP C 83 -11.44 13.33 -3.62
CA ASP C 83 -11.26 11.99 -3.07
C ASP C 83 -10.30 11.14 -3.90
N ASP C 84 -10.01 11.54 -5.14
CA ASP C 84 -9.22 10.71 -6.04
C ASP C 84 -7.71 10.81 -5.80
N PHE C 85 -7.24 11.82 -5.07
CA PHE C 85 -5.81 11.98 -4.85
C PHE C 85 -5.32 10.92 -3.88
N ALA C 86 -4.51 10.00 -4.37
CA ALA C 86 -4.02 8.85 -3.61
C ALA C 86 -2.90 8.20 -4.41
N THR C 87 -2.47 7.03 -3.97
CA THR C 87 -1.51 6.21 -4.70
C THR C 87 -2.24 5.04 -5.34
N TYR C 88 -1.90 4.74 -6.60
CA TYR C 88 -2.60 3.75 -7.39
C TYR C 88 -1.66 2.61 -7.76
N TYR C 89 -2.15 1.38 -7.60
CA TYR C 89 -1.39 0.17 -7.90
C TYR C 89 -2.16 -0.69 -8.89
N CYS C 90 -1.48 -1.17 -9.93
CA CYS C 90 -2.01 -2.25 -10.75
C CYS C 90 -1.50 -3.58 -10.22
N ALA C 91 -2.30 -4.62 -10.42
CA ALA C 91 -1.96 -5.97 -10.01
C ALA C 91 -2.32 -6.93 -11.15
N GLY C 92 -1.42 -7.87 -11.43
CA GLY C 92 -1.61 -8.81 -12.52
C GLY C 92 -1.72 -10.24 -12.00
N GLY C 93 -2.56 -11.02 -12.65
CA GLY C 93 -2.66 -12.45 -12.41
C GLY C 93 -2.16 -13.21 -13.62
N TYR C 94 -1.42 -14.29 -13.38
CA TYR C 94 -0.71 -15.00 -14.44
C TYR C 94 -0.94 -16.49 -14.31
N SER C 95 -0.65 -17.19 -15.41
CA SER C 95 -0.75 -18.65 -15.43
C SER C 95 0.16 -19.25 -14.36
N GLY C 96 -0.31 -20.32 -13.74
CA GLY C 96 0.43 -20.93 -12.65
C GLY C 96 0.22 -20.28 -11.30
N ASN C 97 -0.85 -19.49 -11.16
CA ASN C 97 -1.18 -18.82 -9.90
C ASN C 97 -0.04 -17.92 -9.43
N LEU C 98 0.39 -17.02 -10.31
CA LEU C 98 1.42 -16.04 -10.00
C LEU C 98 0.80 -14.65 -10.01
N TYR C 99 1.33 -13.78 -9.15
CA TYR C 99 0.80 -12.42 -9.03
C TYR C 99 1.93 -11.45 -8.77
N THR C 100 1.72 -10.19 -9.16
CA THR C 100 2.66 -9.13 -8.85
C THR C 100 1.92 -7.80 -8.84
N PHE C 101 2.49 -6.84 -8.13
CA PHE C 101 1.96 -5.48 -8.04
C PHE C 101 2.91 -4.51 -8.73
N GLY C 102 2.34 -3.47 -9.35
CA GLY C 102 3.15 -2.39 -9.83
C GLY C 102 3.75 -1.60 -8.68
N GLN C 103 4.76 -0.78 -9.02
CA GLN C 103 5.45 -0.02 -7.98
C GLN C 103 4.61 1.12 -7.44
N GLY C 104 3.51 1.48 -8.10
CA GLY C 104 2.64 2.51 -7.59
C GLY C 104 2.81 3.87 -8.25
N THR C 105 1.70 4.57 -8.43
CA THR C 105 1.70 5.92 -8.98
C THR C 105 1.05 6.86 -7.98
N LYS C 106 1.75 7.95 -7.65
CA LYS C 106 1.24 8.93 -6.71
C LYS C 106 0.56 10.06 -7.48
N LEU C 107 -0.72 10.27 -7.21
CA LEU C 107 -1.50 11.34 -7.82
C LEU C 107 -1.66 12.46 -6.78
N GLU C 108 -0.91 13.54 -6.96
CA GLU C 108 -0.91 14.66 -6.03
C GLU C 108 -1.64 15.85 -6.63
N ILE C 109 -1.89 16.85 -5.77
CA ILE C 109 -2.66 18.03 -6.14
C ILE C 109 -1.72 19.05 -6.77
N LYS C 110 -2.03 19.46 -8.00
CA LYS C 110 -1.26 20.49 -8.67
C LYS C 110 -1.64 21.87 -8.13
N ARG C 111 -0.63 22.72 -7.96
CA ARG C 111 -0.86 24.10 -7.54
C ARG C 111 0.23 24.98 -8.16
N THR C 112 0.28 26.24 -7.75
CA THR C 112 1.28 27.15 -8.26
C THR C 112 2.63 26.90 -7.60
N VAL C 113 3.68 27.40 -8.24
CA VAL C 113 5.04 27.23 -7.72
C VAL C 113 5.23 28.12 -6.51
N ALA C 114 5.77 27.54 -5.43
CA ALA C 114 6.07 28.28 -4.21
C ALA C 114 7.49 27.93 -3.79
N ALA C 115 8.33 28.94 -3.65
CA ALA C 115 9.72 28.70 -3.25
C ALA C 115 9.78 28.31 -1.78
N PRO C 116 10.69 27.42 -1.40
CA PRO C 116 10.83 27.05 0.02
C PRO C 116 11.52 28.14 0.82
N SER C 117 11.19 28.16 2.11
CA SER C 117 11.96 28.92 3.09
C SER C 117 13.01 27.99 3.68
N VAL C 118 14.27 28.40 3.59
CA VAL C 118 15.40 27.54 3.95
C VAL C 118 15.93 27.97 5.31
N PHE C 119 16.09 26.99 6.21
CA PHE C 119 16.66 27.22 7.53
C PHE C 119 17.69 26.13 7.81
N ILE C 120 18.78 26.50 8.48
CA ILE C 120 19.83 25.56 8.86
C ILE C 120 19.99 25.60 10.38
N PHE C 121 20.17 24.43 10.97
CA PHE C 121 20.27 24.30 12.42
C PHE C 121 21.57 23.60 12.79
N PRO C 122 22.49 24.27 13.47
CA PRO C 122 23.69 23.59 13.98
C PRO C 122 23.33 22.62 15.09
N PRO C 123 24.15 21.60 15.33
CA PRO C 123 23.87 20.68 16.44
C PRO C 123 23.89 21.42 17.77
N SER C 124 23.00 21.01 18.67
CA SER C 124 22.94 21.63 19.98
C SER C 124 24.12 21.18 20.85
N ASP C 125 24.42 21.98 21.86
CA ASP C 125 25.50 21.63 22.77
C ASP C 125 25.19 20.40 23.59
N GLU C 126 23.90 20.17 23.90
CA GLU C 126 23.52 18.94 24.60
C GLU C 126 23.85 17.71 23.76
N GLN C 127 23.55 17.77 22.45
CA GLN C 127 23.86 16.64 21.58
C GLN C 127 25.36 16.46 21.42
N LEU C 128 26.12 17.57 21.38
CA LEU C 128 27.57 17.47 21.28
C LEU C 128 28.17 16.80 22.52
N LYS C 129 27.57 17.03 23.69
CA LYS C 129 28.00 16.30 24.88
C LYS C 129 27.69 14.81 24.76
N SER C 130 26.65 14.45 24.00
CA SER C 130 26.33 13.04 23.80
C SER C 130 27.43 12.32 23.02
N GLY C 131 27.98 12.97 22.00
CA GLY C 131 29.07 12.38 21.24
C GLY C 131 28.87 12.36 19.73
N THR C 132 27.77 12.93 19.26
CA THR C 132 27.48 12.99 17.84
C THR C 132 26.98 14.38 17.48
N ALA C 133 26.98 14.68 16.18
CA ALA C 133 26.56 15.99 15.68
C ALA C 133 25.61 15.78 14.51
N SER C 134 24.39 16.30 14.64
CA SER C 134 23.40 16.29 13.57
C SER C 134 23.11 17.72 13.16
N VAL C 135 23.23 18.00 11.86
CA VAL C 135 22.95 19.30 11.29
C VAL C 135 21.67 19.19 10.47
N VAL C 136 20.71 20.05 10.75
CA VAL C 136 19.38 19.98 10.14
C VAL C 136 19.20 21.15 9.18
N CYS C 137 18.63 20.86 8.01
CA CYS C 137 18.27 21.87 7.04
C CYS C 137 16.79 21.72 6.72
N LEU C 138 16.04 22.80 6.87
CA LEU C 138 14.58 22.78 6.73
C LEU C 138 14.17 23.49 5.45
N LEU C 139 13.33 22.82 4.66
CA LEU C 139 12.66 23.41 3.50
C LEU C 139 11.17 23.44 3.81
N ASN C 140 10.63 24.65 3.97
CA ASN C 140 9.29 24.83 4.50
C ASN C 140 8.34 25.32 3.41
N ASN C 141 7.26 24.56 3.20
CA ASN C 141 6.09 24.99 2.42
C ASN C 141 6.47 25.40 0.99
N PHE C 142 6.91 24.41 0.22
CA PHE C 142 7.28 24.63 -1.17
C PHE C 142 6.49 23.71 -2.09
N TYR C 143 6.45 24.11 -3.37
CA TYR C 143 5.87 23.32 -4.44
C TYR C 143 6.51 23.76 -5.74
N PRO C 144 6.82 22.84 -6.67
CA PRO C 144 6.57 21.39 -6.64
C PRO C 144 7.48 20.62 -5.70
N ARG C 145 7.25 19.30 -5.59
CA ARG C 145 8.02 18.48 -4.66
C ARG C 145 9.50 18.43 -5.02
N GLU C 146 9.82 18.49 -6.32
CA GLU C 146 11.21 18.35 -6.76
C GLU C 146 12.06 19.48 -6.21
N ALA C 147 13.15 19.10 -5.52
CA ALA C 147 14.08 20.07 -4.96
C ALA C 147 15.41 19.36 -4.74
N LYS C 148 16.49 20.12 -4.88
CA LYS C 148 17.84 19.60 -4.71
C LYS C 148 18.45 20.23 -3.46
N VAL C 149 18.87 19.39 -2.52
CA VAL C 149 19.48 19.82 -1.28
C VAL C 149 20.87 19.19 -1.21
N GLN C 150 21.90 20.03 -1.15
CA GLN C 150 23.28 19.59 -1.11
C GLN C 150 23.98 20.14 0.12
N TRP C 151 24.73 19.29 0.81
CA TRP C 151 25.50 19.68 1.98
C TRP C 151 26.94 19.95 1.58
N LYS C 152 27.44 21.13 1.94
CA LYS C 152 28.84 21.49 1.72
C LYS C 152 29.49 21.71 3.08
N VAL C 153 30.60 21.02 3.31
CA VAL C 153 31.39 21.16 4.52
C VAL C 153 32.76 21.69 4.10
N ASP C 154 33.09 22.90 4.52
CA ASP C 154 34.25 23.62 4.01
C ASP C 154 34.25 23.63 2.48
N ASN C 155 33.12 24.05 1.92
CA ASN C 155 32.82 24.05 0.48
C ASN C 155 33.26 22.77 -0.22
N ALA C 156 33.12 21.64 0.47
CA ALA C 156 33.31 20.32 -0.13
C ALA C 156 31.98 19.57 -0.09
N LEU C 157 31.58 19.05 -1.25
CA LEU C 157 30.27 18.42 -1.36
C LEU C 157 30.21 17.12 -0.56
N GLN C 158 29.09 16.90 0.11
CA GLN C 158 28.88 15.73 0.95
C GLN C 158 28.00 14.72 0.23
N SER C 159 28.23 13.44 0.54
CA SER C 159 27.45 12.36 -0.05
C SER C 159 27.51 11.15 0.87
N GLY C 160 26.38 10.45 1.00
CA GLY C 160 26.32 9.24 1.79
C GLY C 160 26.28 9.45 3.29
N ASN C 161 26.16 10.69 3.76
CA ASN C 161 26.12 10.97 5.19
C ASN C 161 24.90 11.81 5.58
N SER C 162 23.90 11.89 4.70
CA SER C 162 22.70 12.66 4.98
C SER C 162 21.47 11.86 4.56
N GLN C 163 20.38 12.06 5.31
CA GLN C 163 19.08 11.48 4.99
C GLN C 163 18.02 12.56 5.15
N GLU C 164 17.02 12.54 4.27
CA GLU C 164 15.99 13.57 4.27
C GLU C 164 14.61 12.92 4.38
N SER C 165 13.68 13.71 4.91
CA SER C 165 12.30 13.28 5.13
C SER C 165 11.36 14.34 4.58
N VAL C 166 10.26 13.89 3.98
CA VAL C 166 9.29 14.77 3.32
C VAL C 166 7.92 14.52 3.93
N THR C 167 7.21 15.59 4.24
CA THR C 167 5.85 15.50 4.73
C THR C 167 4.89 15.22 3.57
N GLU C 168 3.72 14.69 3.92
CA GLU C 168 2.64 14.58 2.95
C GLU C 168 2.17 15.97 2.53
N GLN C 169 1.59 16.04 1.34
CA GLN C 169 1.13 17.32 0.81
C GLN C 169 0.14 17.96 1.78
N ASP C 170 0.36 19.24 2.09
CA ASP C 170 -0.42 19.91 3.12
C ASP C 170 -1.88 20.00 2.72
N SER C 171 -2.77 19.83 3.71
CA SER C 171 -4.19 19.84 3.43
C SER C 171 -4.72 21.23 3.12
N LYS C 172 -3.99 22.29 3.47
CA LYS C 172 -4.48 23.65 3.29
C LYS C 172 -3.84 24.36 2.09
N ASP C 173 -2.52 24.30 1.96
CA ASP C 173 -1.81 24.98 0.89
C ASP C 173 -1.23 24.03 -0.15
N SER C 174 -1.36 22.72 0.05
CA SER C 174 -0.91 21.72 -0.92
C SER C 174 0.59 21.83 -1.20
N THR C 175 1.37 22.30 -0.24
CA THR C 175 2.82 22.39 -0.37
C THR C 175 3.50 21.28 0.42
N TYR C 176 4.76 21.06 0.10
CA TYR C 176 5.58 20.06 0.78
C TYR C 176 6.55 20.74 1.74
N SER C 177 7.01 19.96 2.72
CA SER C 177 8.08 20.37 3.61
C SER C 177 9.10 19.26 3.68
N LEU C 178 10.37 19.65 3.87
CA LEU C 178 11.46 18.69 3.81
C LEU C 178 12.52 19.08 4.83
N SER C 179 13.04 18.08 5.53
CA SER C 179 14.17 18.25 6.44
C SER C 179 15.29 17.33 5.98
N SER C 180 16.49 17.87 5.82
CA SER C 180 17.67 17.10 5.50
C SER C 180 18.62 17.15 6.69
N THR C 181 19.02 15.98 7.19
CA THR C 181 19.85 15.87 8.37
C THR C 181 21.22 15.36 7.97
N LEU C 182 22.26 16.12 8.30
CA LEU C 182 23.64 15.71 8.09
C LEU C 182 24.17 15.12 9.38
N THR C 183 24.55 13.86 9.35
CA THR C 183 25.00 13.13 10.53
C THR C 183 26.50 12.90 10.43
N LEU C 184 27.23 13.38 11.43
CA LEU C 184 28.68 13.21 11.51
C LEU C 184 29.05 12.79 12.91
N SER C 185 30.26 12.24 13.05
CA SER C 185 30.81 12.03 14.37
C SER C 185 31.19 13.38 14.99
N LYS C 186 31.30 13.38 16.32
CA LYS C 186 31.70 14.61 17.01
C LYS C 186 33.11 15.02 16.60
N ALA C 187 34.00 14.04 16.42
CA ALA C 187 35.38 14.33 16.03
C ALA C 187 35.43 14.95 14.64
N ASP C 188 34.74 14.34 13.67
CA ASP C 188 34.76 14.88 12.31
C ASP C 188 34.06 16.23 12.22
N TYR C 189 33.02 16.44 13.03
CA TYR C 189 32.32 17.72 13.03
C TYR C 189 33.25 18.85 13.44
N GLU C 190 34.07 18.62 14.48
CA GLU C 190 34.99 19.64 14.95
C GLU C 190 36.22 19.80 14.06
N LYS C 191 36.38 18.93 13.06
CA LYS C 191 37.50 19.05 12.12
C LYS C 191 37.26 20.09 11.03
N HIS C 192 36.07 20.66 10.95
CA HIS C 192 35.71 21.58 9.88
C HIS C 192 35.00 22.79 10.46
N LYS C 193 34.93 23.86 9.66
CA LYS C 193 34.41 25.14 10.11
C LYS C 193 33.07 25.49 9.48
N VAL C 194 32.97 25.50 8.15
CA VAL C 194 31.80 26.03 7.45
C VAL C 194 30.88 24.88 7.09
N TYR C 195 29.63 24.97 7.54
CA TYR C 195 28.59 23.99 7.22
C TYR C 195 27.47 24.71 6.49
N ALA C 196 27.28 24.38 5.22
CA ALA C 196 26.34 25.08 4.37
C ALA C 196 25.31 24.13 3.78
N CYS C 197 24.07 24.61 3.69
CA CYS C 197 22.98 23.89 3.04
C CYS C 197 22.57 24.69 1.81
N GLU C 198 22.66 24.07 0.64
CA GLU C 198 22.38 24.74 -0.63
C GLU C 198 21.16 24.09 -1.27
N VAL C 199 20.18 24.91 -1.64
CA VAL C 199 18.88 24.44 -2.10
C VAL C 199 18.62 24.99 -3.49
N THR C 200 18.24 24.11 -4.40
CA THR C 200 17.83 24.48 -5.75
C THR C 200 16.37 24.07 -5.95
N HIS C 201 15.56 25.02 -6.41
CA HIS C 201 14.14 24.80 -6.58
C HIS C 201 13.63 25.70 -7.70
N GLN C 202 12.50 25.32 -8.29
CA GLN C 202 11.95 26.08 -9.40
C GLN C 202 11.53 27.49 -8.96
N GLY C 203 11.04 27.63 -7.73
CA GLY C 203 10.65 28.93 -7.22
C GLY C 203 11.80 29.84 -6.87
N LEU C 204 13.04 29.36 -7.00
CA LEU C 204 14.23 30.14 -6.70
C LEU C 204 14.98 30.43 -7.99
N SER C 205 15.23 31.71 -8.27
CA SER C 205 15.97 32.07 -9.47
C SER C 205 17.42 31.61 -9.40
N SER C 206 18.01 31.62 -8.21
CA SER C 206 19.37 31.16 -7.98
C SER C 206 19.37 30.31 -6.72
N PRO C 207 20.33 29.39 -6.58
CA PRO C 207 20.38 28.56 -5.38
C PRO C 207 20.52 29.40 -4.12
N VAL C 208 19.83 28.98 -3.06
CA VAL C 208 19.86 29.64 -1.77
C VAL C 208 20.76 28.84 -0.84
N THR C 209 21.68 29.53 -0.17
CA THR C 209 22.63 28.89 0.73
C THR C 209 22.42 29.42 2.15
N LYS C 210 22.28 28.50 3.09
CA LYS C 210 22.27 28.82 4.52
C LYS C 210 23.45 28.10 5.16
N SER C 211 24.19 28.81 6.01
CA SER C 211 25.44 28.28 6.54
C SER C 211 25.72 28.87 7.91
N PHE C 212 26.65 28.22 8.62
CA PHE C 212 27.15 28.69 9.91
C PHE C 212 28.59 28.23 10.05
N ASN C 213 29.28 28.80 11.04
CA ASN C 213 30.65 28.43 11.34
C ASN C 213 30.70 27.60 12.62
N ARG C 214 31.92 27.19 13.00
CA ARG C 214 32.15 26.34 14.16
C ARG C 214 31.52 24.96 13.97
#